data_9HSG
#
_entry.id   9HSG
#
_cell.length_a   50.267
_cell.length_b   70.805
_cell.length_c   118.166
_cell.angle_alpha   90.000
_cell.angle_beta   90.000
_cell.angle_gamma   90.000
#
_symmetry.space_group_name_H-M   'I 2 2 2'
#
loop_
_entity.id
_entity.type
_entity.pdbx_description
1 polymer 'choline-phosphate cytidylyltransferase'
2 non-polymer "[2-CYTIDYLATE-O'-PHOSPHONYLOXYL]-ETHYL-TRIMETHYL-AMMONIUM"
3 water water
#
_entity_poly.entity_id   1
_entity_poly.type   'polypeptide(L)'
_entity_poly.pdbx_seq_one_letter_code
;GHMAVPDDDDDDDNSNDESEYESSQMDSEKNKGSIKNSKNVVIYADGVYDMLHLGHMKQLEQAKKLFENTTLIVGVTSDN
ETKLFKGQVVQTLEERTETLKHIRWVDEIISPCPWVVTPEFLEKYKIDYVAHDDIPYANNQKEDIYAWLKRAGKFKATQR
TEGVSTTDLIVRILKNYED
;
_entity_poly.pdbx_strand_id   A
#
loop_
_chem_comp.id
_chem_comp.type
_chem_comp.name
_chem_comp.formula
CDC non-polymer [2-CYTIDYLATE-O'-PHOSPHONYLOXYL]-ETHYL-TRIMETHYL-AMMONIUM 'C14 H26 N4 O11 P2'
#
# COMPACT_ATOMS: atom_id res chain seq x y z
N SER A 38 -13.36 10.05 -20.40
CA SER A 38 -12.86 8.72 -20.02
C SER A 38 -13.45 8.30 -18.67
N LYS A 39 -13.85 7.03 -18.55
CA LYS A 39 -14.47 6.55 -17.32
C LYS A 39 -13.45 6.55 -16.16
N ASN A 40 -13.98 6.66 -14.95
CA ASN A 40 -13.17 6.69 -13.73
C ASN A 40 -12.91 5.28 -13.23
N VAL A 41 -11.64 4.97 -12.91
CA VAL A 41 -11.19 3.65 -12.51
C VAL A 41 -10.77 3.71 -11.04
N VAL A 42 -11.22 2.74 -10.23
CA VAL A 42 -10.93 2.74 -8.80
C VAL A 42 -9.75 1.82 -8.52
N ILE A 43 -8.69 2.39 -7.96
CA ILE A 43 -7.45 1.68 -7.64
C ILE A 43 -7.36 1.56 -6.12
N TYR A 44 -6.91 0.39 -5.65
CA TYR A 44 -6.75 0.08 -4.23
C TYR A 44 -5.31 -0.31 -3.97
N ALA A 45 -4.57 0.55 -3.27
CA ALA A 45 -3.19 0.25 -2.85
C ALA A 45 -3.23 0.00 -1.35
N ASP A 46 -2.90 -1.22 -0.95
CA ASP A 46 -2.82 -1.53 0.47
C ASP A 46 -1.36 -1.65 0.89
N GLY A 47 -1.10 -1.40 2.16
CA GLY A 47 0.24 -1.45 2.69
C GLY A 47 0.22 -1.19 4.19
N VAL A 48 1.39 -1.38 4.80
CA VAL A 48 1.56 -0.92 6.17
C VAL A 48 1.70 0.60 6.21
N TYR A 49 2.46 1.15 5.27
CA TYR A 49 2.83 2.56 5.17
C TYR A 49 3.39 3.11 6.49
N ASP A 50 4.29 2.34 7.10
CA ASP A 50 4.94 2.78 8.33
C ASP A 50 5.98 3.86 8.03
N MET A 51 6.02 4.90 8.87
CA MET A 51 7.05 5.95 8.81
C MET A 51 7.23 6.46 7.38
N LEU A 52 6.14 7.01 6.82
CA LEU A 52 6.01 7.23 5.38
C LEU A 52 7.22 7.94 4.79
N HIS A 53 7.68 7.45 3.65
CA HIS A 53 8.87 8.00 3.02
C HIS A 53 8.67 8.10 1.51
N LEU A 54 9.72 8.54 0.82
CA LEU A 54 9.64 8.87 -0.60
C LEU A 54 9.25 7.68 -1.45
N GLY A 55 9.69 6.45 -1.08
CA GLY A 55 9.26 5.27 -1.83
C GLY A 55 7.75 5.05 -1.82
N HIS A 56 7.12 5.20 -0.64
CA HIS A 56 5.66 5.07 -0.57
C HIS A 56 4.98 6.17 -1.36
N MET A 57 5.48 7.40 -1.22
CA MET A 57 4.90 8.51 -1.97
C MET A 57 4.94 8.24 -3.46
N LYS A 58 6.07 7.74 -3.96
CA LYS A 58 6.18 7.48 -5.38
C LYS A 58 5.28 6.33 -5.82
N GLN A 59 5.08 5.36 -4.93
CA GLN A 59 4.14 4.28 -5.21
C GLN A 59 2.72 4.79 -5.31
N LEU A 60 2.29 5.57 -4.32
CA LEU A 60 0.93 6.10 -4.33
C LEU A 60 0.71 6.97 -5.55
N GLU A 61 1.69 7.81 -5.88
CA GLU A 61 1.65 8.55 -7.14
C GLU A 61 1.52 7.59 -8.33
N GLN A 62 2.29 6.49 -8.34
CA GLN A 62 2.18 5.54 -9.45
C GLN A 62 0.77 4.98 -9.56
N ALA A 63 0.22 4.50 -8.45
CA ALA A 63 -1.11 3.91 -8.45
C ALA A 63 -2.15 4.91 -8.95
N LYS A 64 -2.23 6.07 -8.29
CA LYS A 64 -3.11 7.17 -8.67
C LYS A 64 -3.08 7.47 -10.17
N LYS A 65 -1.89 7.36 -10.77
CA LYS A 65 -1.66 7.66 -12.17
C LYS A 65 -1.68 6.41 -13.06
N LEU A 66 -2.42 5.38 -12.70
CA LEU A 66 -2.49 4.22 -13.60
C LEU A 66 -3.43 4.48 -14.78
N PHE A 67 -4.37 5.41 -14.64
CA PHE A 67 -5.35 5.71 -15.68
C PHE A 67 -5.70 7.19 -15.56
N GLU A 68 -5.96 7.81 -16.72
CA GLU A 68 -6.26 9.24 -16.77
C GLU A 68 -7.17 9.68 -15.61
N ASN A 69 -8.26 8.96 -15.36
CA ASN A 69 -9.22 9.33 -14.33
C ASN A 69 -9.39 8.19 -13.35
N THR A 70 -9.00 8.43 -12.09
CA THR A 70 -9.00 7.43 -11.04
C THR A 70 -9.54 7.98 -9.72
N THR A 71 -9.91 7.04 -8.85
CA THR A 71 -9.99 7.22 -7.42
C THR A 71 -8.99 6.29 -6.77
N LEU A 72 -8.01 6.85 -6.07
CA LEU A 72 -7.07 6.04 -5.29
C LEU A 72 -7.62 5.83 -3.89
N ILE A 73 -7.92 4.57 -3.56
CA ILE A 73 -8.23 4.15 -2.21
C ILE A 73 -6.98 3.53 -1.61
N VAL A 74 -6.63 3.89 -0.39
CA VAL A 74 -5.44 3.38 0.29
C VAL A 74 -5.90 2.67 1.55
N GLY A 75 -5.51 1.41 1.69
CA GLY A 75 -5.80 0.65 2.90
C GLY A 75 -4.56 0.58 3.80
N VAL A 76 -4.78 0.79 5.08
CA VAL A 76 -3.71 0.78 6.09
C VAL A 76 -3.93 -0.41 7.00
N THR A 77 -2.86 -1.15 7.26
CA THR A 77 -2.99 -2.39 8.01
C THR A 77 -3.03 -2.14 9.53
N SER A 78 -3.85 -2.93 10.22
CA SER A 78 -4.01 -2.77 11.65
C SER A 78 -2.70 -3.07 12.38
N ASP A 79 -2.53 -2.42 13.54
CA ASP A 79 -1.32 -2.63 14.34
C ASP A 79 -1.17 -4.09 14.73
N ASN A 80 -2.26 -4.70 15.19
CA ASN A 80 -2.23 -6.11 15.56
C ASN A 80 -1.73 -6.98 14.40
N GLU A 81 -2.44 -6.93 13.26
CA GLU A 81 -2.14 -7.82 12.14
C GLU A 81 -0.73 -7.59 11.61
N THR A 82 -0.32 -6.33 11.47
CA THR A 82 1.02 -6.07 10.97
C THR A 82 2.06 -6.72 11.86
N LYS A 83 1.97 -6.49 13.17
CA LYS A 83 2.91 -7.11 14.11
C LYS A 83 2.82 -8.62 14.07
N LEU A 84 1.68 -9.16 13.63
CA LEU A 84 1.45 -10.59 13.60
C LEU A 84 1.96 -11.25 12.33
N PHE A 85 1.88 -10.56 11.19
CA PHE A 85 2.26 -11.14 9.90
C PHE A 85 3.61 -10.67 9.38
N LYS A 86 3.91 -9.38 9.45
CA LYS A 86 5.15 -8.83 8.93
C LYS A 86 6.18 -8.61 10.04
N GLY A 87 5.86 -7.78 11.01
CA GLY A 87 6.78 -7.56 12.12
C GLY A 87 6.45 -6.27 12.85
N GLN A 88 7.45 -5.81 13.63
CA GLN A 88 7.27 -4.63 14.47
C GLN A 88 6.96 -3.42 13.61
N VAL A 89 5.85 -2.76 13.92
CA VAL A 89 5.51 -1.48 13.33
C VAL A 89 5.96 -0.37 14.28
N VAL A 90 6.34 0.77 13.71
CA VAL A 90 6.83 1.89 14.53
C VAL A 90 5.70 2.80 14.94
N GLN A 91 4.91 3.25 13.98
CA GLN A 91 3.81 4.14 14.28
C GLN A 91 2.51 3.36 14.37
N THR A 92 1.60 3.91 15.16
CA THR A 92 0.29 3.32 15.36
C THR A 92 -0.59 3.52 14.13
N LEU A 93 -1.65 2.75 14.06
CA LEU A 93 -2.60 2.91 12.97
C LEU A 93 -3.04 4.35 12.86
N GLU A 94 -3.32 5.00 14.00
CA GLU A 94 -3.71 6.41 13.95
C GLU A 94 -2.64 7.27 13.29
N GLU A 95 -1.38 7.03 13.64
CA GLU A 95 -0.31 7.87 13.12
C GLU A 95 -0.06 7.60 11.63
N ARG A 96 0.02 6.33 11.24
CA ARG A 96 0.20 5.99 9.83
C ARG A 96 -0.98 6.48 8.98
N THR A 97 -2.19 6.48 9.53
CA THR A 97 -3.33 6.93 8.75
C THR A 97 -3.38 8.45 8.63
N GLU A 98 -2.93 9.19 9.64
CA GLU A 98 -3.07 10.64 9.52
C GLU A 98 -2.12 11.22 8.50
N THR A 99 -0.95 10.60 8.32
CA THR A 99 -0.01 11.12 7.34
C THR A 99 -0.55 10.92 5.94
N LEU A 100 -1.07 9.73 5.64
CA LEU A 100 -1.65 9.46 4.33
C LEU A 100 -2.68 10.51 3.97
N LYS A 101 -3.34 11.11 4.97
CA LYS A 101 -4.31 12.15 4.72
C LYS A 101 -3.67 13.40 4.12
N HIS A 102 -2.36 13.59 4.32
CA HIS A 102 -1.66 14.76 3.79
C HIS A 102 -1.01 14.53 2.42
N ILE A 103 -1.27 13.41 1.73
CA ILE A 103 -0.57 13.08 0.50
C ILE A 103 -1.47 13.34 -0.70
N ARG A 104 -0.94 14.05 -1.70
CA ARG A 104 -1.72 14.53 -2.83
C ARG A 104 -2.43 13.43 -3.61
N TRP A 105 -1.84 12.22 -3.67
CA TRP A 105 -2.42 11.20 -4.53
C TRP A 105 -3.56 10.41 -3.87
N VAL A 106 -3.78 10.59 -2.56
CA VAL A 106 -4.72 9.75 -1.81
C VAL A 106 -6.12 10.36 -1.89
N ASP A 107 -7.10 9.58 -2.34
CA ASP A 107 -8.49 10.03 -2.48
C ASP A 107 -9.39 9.56 -1.33
N GLU A 108 -9.30 8.28 -0.97
CA GLU A 108 -9.98 7.72 0.18
C GLU A 108 -9.00 6.81 0.92
N ILE A 109 -9.27 6.60 2.19
CA ILE A 109 -8.51 5.68 3.02
C ILE A 109 -9.48 4.67 3.64
N ILE A 110 -9.10 3.39 3.62
CA ILE A 110 -9.77 2.38 4.44
C ILE A 110 -8.82 2.05 5.57
N SER A 111 -9.24 2.38 6.81
CA SER A 111 -8.35 2.22 7.96
C SER A 111 -9.14 1.76 9.16
N PRO A 112 -8.90 0.54 9.67
CA PRO A 112 -7.95 -0.41 9.08
C PRO A 112 -8.52 -1.21 7.91
N CYS A 113 -7.60 -1.67 7.07
CA CYS A 113 -7.91 -2.51 5.92
C CYS A 113 -7.65 -3.97 6.24
N PRO A 114 -8.29 -4.88 5.51
CA PRO A 114 -8.01 -6.30 5.71
C PRO A 114 -6.64 -6.65 5.16
N TRP A 115 -6.13 -7.81 5.60
CA TRP A 115 -4.81 -8.23 5.17
C TRP A 115 -4.84 -8.81 3.76
N VAL A 116 -5.67 -9.82 3.52
CA VAL A 116 -5.76 -10.43 2.20
C VAL A 116 -6.96 -9.84 1.48
N VAL A 117 -6.70 -9.28 0.30
CA VAL A 117 -7.77 -8.84 -0.57
C VAL A 117 -8.63 -10.04 -0.97
N THR A 118 -9.95 -9.86 -0.93
CA THR A 118 -10.93 -10.88 -1.27
C THR A 118 -11.79 -10.37 -2.41
N PRO A 119 -12.47 -11.27 -3.14
CA PRO A 119 -13.41 -10.79 -4.16
C PRO A 119 -14.58 -10.01 -3.58
N GLU A 120 -15.13 -10.44 -2.44
CA GLU A 120 -16.20 -9.67 -1.78
C GLU A 120 -15.73 -8.25 -1.45
N PHE A 121 -14.44 -8.08 -1.18
CA PHE A 121 -13.93 -6.76 -0.82
C PHE A 121 -13.93 -5.84 -2.03
N LEU A 122 -13.60 -6.37 -3.21
CA LEU A 122 -13.61 -5.56 -4.42
C LEU A 122 -15.02 -5.09 -4.77
N GLU A 123 -16.02 -5.97 -4.71
CA GLU A 123 -17.37 -5.54 -5.01
C GLU A 123 -17.86 -4.49 -4.02
N LYS A 124 -17.45 -4.63 -2.76
CA LYS A 124 -17.94 -3.76 -1.70
C LYS A 124 -17.55 -2.31 -1.97
N TYR A 125 -16.25 -2.08 -2.20
CA TYR A 125 -15.70 -0.76 -2.47
C TYR A 125 -15.59 -0.47 -3.97
N LYS A 126 -16.15 -1.35 -4.82
CA LYS A 126 -16.18 -1.17 -6.28
C LYS A 126 -14.80 -0.88 -6.86
N ILE A 127 -13.80 -1.60 -6.37
CA ILE A 127 -12.42 -1.47 -6.83
C ILE A 127 -12.25 -2.20 -8.15
N ASP A 128 -11.63 -1.52 -9.12
CA ASP A 128 -11.32 -2.13 -10.41
C ASP A 128 -9.95 -2.79 -10.42
N TYR A 129 -8.98 -2.22 -9.72
CA TYR A 129 -7.61 -2.73 -9.71
C TYR A 129 -6.97 -2.51 -8.35
N VAL A 130 -6.12 -3.47 -7.99
CA VAL A 130 -5.30 -3.43 -6.79
C VAL A 130 -3.86 -3.15 -7.23
N ALA A 131 -3.19 -2.22 -6.54
CA ALA A 131 -1.84 -1.80 -6.91
C ALA A 131 -0.87 -2.02 -5.76
N HIS A 132 0.30 -2.56 -6.10
CA HIS A 132 1.35 -3.02 -5.21
C HIS A 132 2.50 -3.48 -6.12
N ASP A 133 3.66 -3.75 -5.52
CA ASP A 133 4.79 -4.23 -6.33
C ASP A 133 4.58 -5.69 -6.73
N ASP A 134 5.17 -6.08 -7.86
CA ASP A 134 4.88 -7.41 -8.37
C ASP A 134 5.57 -8.52 -7.60
N ILE A 135 6.43 -8.20 -6.64
CA ILE A 135 7.05 -9.23 -5.80
C ILE A 135 5.97 -10.02 -5.07
N PRO A 136 5.94 -11.35 -5.25
CA PRO A 136 4.92 -12.16 -4.57
C PRO A 136 4.97 -12.01 -3.05
N TYR A 137 3.79 -12.02 -2.45
CA TYR A 137 3.58 -11.65 -1.05
C TYR A 137 2.96 -12.83 -0.30
N ALA A 138 3.79 -13.59 0.41
CA ALA A 138 3.34 -14.87 0.96
C ALA A 138 2.41 -14.67 2.18
N ASN A 139 1.71 -15.74 2.53
CA ASN A 139 0.81 -15.67 3.68
C ASN A 139 1.30 -16.62 4.76
N ASN A 140 0.96 -17.89 4.59
CA ASN A 140 1.24 -19.00 5.47
C ASN A 140 0.50 -20.18 4.83
N GLN A 141 -0.53 -19.83 4.06
CA GLN A 141 -1.27 -20.77 3.23
C GLN A 141 -1.25 -20.42 1.75
N LYS A 142 -0.96 -19.16 1.40
CA LYS A 142 -0.79 -18.75 0.02
C LYS A 142 0.65 -18.30 -0.22
N GLU A 143 1.17 -18.60 -1.41
CA GLU A 143 2.50 -18.13 -1.77
C GLU A 143 2.51 -16.67 -2.22
N ASP A 144 1.38 -16.13 -2.72
CA ASP A 144 1.41 -14.81 -3.33
C ASP A 144 0.36 -13.83 -2.81
N ILE A 145 -0.85 -14.29 -2.50
CA ILE A 145 -1.88 -13.41 -1.90
C ILE A 145 -2.42 -12.40 -2.91
N TYR A 146 -1.58 -11.96 -3.84
CA TYR A 146 -2.07 -11.18 -4.98
C TYR A 146 -2.29 -12.04 -6.21
N ALA A 147 -2.05 -13.35 -6.10
CA ALA A 147 -2.09 -14.26 -7.23
C ALA A 147 -3.40 -14.17 -8.01
N TRP A 148 -4.53 -14.36 -7.31
CA TRP A 148 -5.81 -14.38 -7.98
C TRP A 148 -6.11 -13.07 -8.70
N LEU A 149 -5.61 -11.94 -8.17
CA LEU A 149 -5.80 -10.67 -8.85
C LEU A 149 -5.04 -10.62 -10.17
N LYS A 150 -3.84 -11.20 -10.22
CA LYS A 150 -3.10 -11.22 -11.47
C LYS A 150 -3.75 -12.16 -12.50
N ARG A 151 -4.16 -13.36 -12.06
CA ARG A 151 -4.86 -14.29 -12.95
C ARG A 151 -6.17 -13.72 -13.47
N ALA A 152 -6.81 -12.83 -12.70
CA ALA A 152 -8.07 -12.23 -13.11
C ALA A 152 -7.86 -10.93 -13.89
N GLY A 153 -6.60 -10.49 -14.03
CA GLY A 153 -6.28 -9.24 -14.68
C GLY A 153 -6.41 -8.01 -13.81
N LYS A 154 -6.76 -8.16 -12.52
CA LYS A 154 -7.10 -7.03 -11.68
C LYS A 154 -5.92 -6.47 -10.89
N PHE A 155 -4.70 -6.81 -11.28
CA PHE A 155 -3.51 -6.37 -10.58
C PHE A 155 -2.69 -5.43 -11.45
N LYS A 156 -2.43 -4.23 -10.93
CA LYS A 156 -1.60 -3.24 -11.61
C LYS A 156 -0.31 -3.08 -10.82
N ALA A 157 0.81 -3.52 -11.39
CA ALA A 157 2.05 -3.57 -10.65
C ALA A 157 2.64 -2.18 -10.52
N THR A 158 3.14 -1.86 -9.34
CA THR A 158 3.92 -0.65 -9.12
C THR A 158 5.38 -1.00 -8.84
N GLN A 159 6.27 0.00 -8.96
CA GLN A 159 7.69 -0.20 -8.69
C GLN A 159 8.10 0.46 -7.39
N ARG A 160 9.19 -0.05 -6.82
CA ARG A 160 9.73 0.43 -5.56
C ARG A 160 10.79 1.50 -5.79
N THR A 161 10.99 2.32 -4.76
CA THR A 161 12.13 3.24 -4.68
C THR A 161 12.99 2.82 -3.50
N GLU A 162 14.23 2.42 -3.77
CA GLU A 162 15.11 1.95 -2.70
C GLU A 162 16.01 3.07 -2.19
N GLY A 163 16.53 2.88 -0.98
CA GLY A 163 17.52 3.73 -0.36
C GLY A 163 17.02 5.05 0.18
N VAL A 164 15.71 5.25 0.24
CA VAL A 164 15.16 6.53 0.61
C VAL A 164 14.37 6.44 1.91
N SER A 165 14.50 5.33 2.64
CA SER A 165 13.73 5.12 3.85
C SER A 165 14.28 5.93 5.01
N THR A 166 13.42 6.13 6.01
CA THR A 166 13.80 6.90 7.19
C THR A 166 14.90 6.21 7.99
N THR A 167 14.80 4.90 8.18
CA THR A 167 15.90 4.17 8.79
C THR A 167 17.20 4.40 8.01
N ASP A 168 17.11 4.49 6.68
CA ASP A 168 18.29 4.76 5.87
C ASP A 168 18.85 6.14 6.14
N LEU A 169 18.01 7.06 6.59
CA LEU A 169 18.45 8.44 6.79
C LEU A 169 19.15 8.61 8.12
N ILE A 170 18.80 7.81 9.14
CA ILE A 170 19.57 7.83 10.37
C ILE A 170 20.94 7.23 10.14
N VAL A 171 21.00 6.15 9.35
CA VAL A 171 22.29 5.60 8.93
C VAL A 171 23.13 6.69 8.28
N ARG A 172 22.49 7.54 7.46
CA ARG A 172 23.20 8.69 6.90
C ARG A 172 23.64 9.65 8.00
N ILE A 173 22.77 9.94 8.97
CA ILE A 173 23.14 10.83 10.08
C ILE A 173 24.28 10.22 10.89
N LEU A 174 24.34 8.89 10.98
CA LEU A 174 25.46 8.25 11.63
C LEU A 174 26.72 8.36 10.79
N LYS A 175 26.90 9.52 10.15
CA LYS A 175 28.13 9.87 9.45
C LYS A 175 28.71 11.19 9.96
N ASN A 176 28.12 11.77 11.01
CA ASN A 176 28.66 12.96 11.67
C ASN A 176 29.31 12.62 13.01
N TYR A 177 29.45 11.34 13.33
CA TYR A 177 30.06 10.90 14.58
C TYR A 177 30.90 9.63 14.38
N1 CDC B . 6.99 0.52 -1.64
C2 CDC B . 7.74 1.15 -2.76
N3 CDC B . 9.11 1.37 -2.40
C4 CDC B . 9.65 1.07 -1.19
C5 CDC B . 8.83 0.47 -0.14
C6 CDC B . 7.53 0.22 -0.43
O2 CDC B . 7.26 1.40 -3.80
N4 CDC B . 10.98 1.35 -0.99
C1' CDC B . 5.58 0.26 -1.94
C2' CDC B . 5.34 -1.25 -1.89
O2' CDC B . 5.58 -1.82 -3.20
C3' CDC B . 3.83 -1.25 -1.63
C4' CDC B . 3.57 0.06 -0.79
O4' CDC B . 4.74 0.85 -0.94
O3' CDC B . 3.18 -1.26 -2.86
C5' CDC B . 3.38 -0.30 0.71
O5' CDC B . 4.33 -1.18 1.11
PA CDC B . 4.65 -1.58 2.76
O1A CDC B . 6.09 -1.94 2.96
O2A CDC B . 4.11 -0.40 3.50
O3A CDC B . 3.75 -2.83 3.24
PB CDC B . 3.44 -4.12 2.54
O1B CDC B . 1.68 -4.39 2.30
O2B CDC B . 3.86 -4.22 1.09
O3B CDC B . 3.75 -5.28 3.42
C14 CDC B . 1.18 -5.62 2.29
C15 CDC B . 0.23 -5.80 3.54
N11 CDC B . -1.04 -6.40 3.04
C16 CDC B . -1.49 -5.61 1.88
C17 CDC B . -0.84 -7.82 2.61
C18 CDC B . -2.10 -6.32 4.06
#